data_2BE3
#
_entry.id   2BE3
#
_cell.length_a   104.843
_cell.length_b   104.843
_cell.length_c   170.562
_cell.angle_alpha   90.00
_cell.angle_beta   90.00
_cell.angle_gamma   120.00
#
_symmetry.space_group_name_H-M   'P 61 2 2'
#
loop_
_entity.id
_entity.type
_entity.pdbx_description
1 polymer 'GTP pyrophosphokinase'
2 non-polymer 'CHLORIDE ION'
3 non-polymer 'TETRAETHYLENE GLYCOL'
4 non-polymer GLYCEROL
5 water water
#
_entity_poly.entity_id   1
_entity_poly.type   'polypeptide(L)'
_entity_poly.pdbx_seq_one_letter_code
;SNA(MSE)TLEWEEFLDPYIQAVGELKIKLRGIRKQYRKQNKHSPIEFVTGRVKPIESIKEK(MSE)ARRGITYATLEHD
LQDIAGLRV(MSE)VQFVDDVKEVVDILHKRQD(MSE)RIIQERDYITHRKASGYRSYHVVVEYTVDTINGAKTILAEIQ
IRTLA(MSE)NFWATIEHSLNYKYQGDFPDEIKKRLEITARIAHQLDEE(MSE)GEIRDDIQEAQALFDPLSRKLNDGVG
NSDDTDEEYR
;
_entity_poly.pdbx_strand_id   A,B
#
loop_
_chem_comp.id
_chem_comp.type
_chem_comp.name
_chem_comp.formula
CL non-polymer 'CHLORIDE ION' 'Cl -1'
GOL non-polymer GLYCEROL 'C3 H8 O3'
PG4 non-polymer 'TETRAETHYLENE GLYCOL' 'C8 H18 O5'
#
# COMPACT_ATOMS: atom_id res chain seq x y z
N MSE A 4 9.38 -17.32 -17.60
CA MSE A 4 9.55 -15.96 -17.00
C MSE A 4 10.20 -14.95 -17.97
O MSE A 4 11.38 -14.61 -17.87
CB MSE A 4 10.33 -16.05 -15.66
CG MSE A 4 10.59 -14.71 -14.95
SE MSE A 4 9.00 -13.70 -14.33
CE MSE A 4 8.82 -14.45 -12.41
N THR A 5 9.40 -14.48 -18.93
CA THR A 5 9.87 -13.57 -19.98
C THR A 5 9.68 -12.09 -19.60
N LEU A 6 10.05 -11.21 -20.53
CA LEU A 6 9.79 -9.77 -20.40
C LEU A 6 8.29 -9.39 -20.43
N GLU A 7 7.52 -10.03 -21.30
N GLU A 7 7.51 -10.00 -21.32
CA GLU A 7 6.09 -9.74 -21.41
CA GLU A 7 6.06 -9.72 -21.39
C GLU A 7 5.30 -10.27 -20.19
C GLU A 7 5.31 -10.25 -20.16
N TRP A 8 5.75 -11.39 -19.62
CA TRP A 8 5.18 -11.92 -18.38
C TRP A 8 5.44 -11.02 -17.19
N GLU A 9 6.59 -10.36 -17.20
CA GLU A 9 7.03 -9.46 -16.14
C GLU A 9 6.23 -8.16 -16.19
N GLU A 10 6.04 -7.63 -17.38
CA GLU A 10 5.22 -6.46 -17.58
C GLU A 10 3.77 -6.70 -17.22
N PHE A 11 3.30 -7.92 -17.47
CA PHE A 11 1.91 -8.26 -17.17
C PHE A 11 1.68 -8.42 -15.66
N LEU A 12 2.63 -9.04 -14.98
CA LEU A 12 2.44 -9.43 -13.59
C LEU A 12 2.66 -8.31 -12.58
N ASP A 13 3.47 -7.33 -12.96
CA ASP A 13 3.79 -6.19 -12.08
C ASP A 13 2.62 -5.55 -11.35
N PRO A 14 1.56 -5.14 -12.06
CA PRO A 14 0.40 -4.62 -11.33
C PRO A 14 -0.11 -5.56 -10.23
N TYR A 15 -0.11 -6.86 -10.50
CA TYR A 15 -0.50 -7.89 -9.53
C TYR A 15 0.48 -8.00 -8.35
N ILE A 16 1.78 -8.05 -8.61
CA ILE A 16 2.77 -7.97 -7.55
C ILE A 16 2.55 -6.68 -6.70
N GLN A 17 2.41 -5.54 -7.38
CA GLN A 17 2.10 -4.29 -6.71
C GLN A 17 0.81 -4.37 -5.85
N ALA A 18 -0.29 -4.83 -6.45
CA ALA A 18 -1.59 -5.01 -5.76
C ALA A 18 -1.57 -5.94 -4.55
N VAL A 19 -0.93 -7.12 -4.66
CA VAL A 19 -0.69 -8.02 -3.52
C VAL A 19 0.07 -7.34 -2.36
N GLY A 20 1.15 -6.63 -2.71
CA GLY A 20 1.94 -5.86 -1.76
C GLY A 20 1.11 -4.81 -1.03
N GLU A 21 0.35 -4.01 -1.77
CA GLU A 21 -0.53 -3.02 -1.15
C GLU A 21 -1.63 -3.69 -0.30
N LEU A 22 -2.26 -4.72 -0.83
CA LEU A 22 -3.39 -5.33 -0.15
C LEU A 22 -2.97 -6.04 1.16
N LYS A 23 -1.83 -6.73 1.14
CA LYS A 23 -1.24 -7.29 2.37
C LYS A 23 -1.06 -6.25 3.43
N ILE A 24 -0.52 -5.10 3.08
CA ILE A 24 -0.31 -4.04 4.06
C ILE A 24 -1.66 -3.45 4.54
N LYS A 25 -2.58 -3.23 3.61
CA LYS A 25 -3.91 -2.72 3.95
C LYS A 25 -4.71 -3.68 4.81
N LEU A 26 -4.69 -4.97 4.51
CA LEU A 26 -5.39 -5.95 5.33
C LEU A 26 -4.82 -6.09 6.75
N ARG A 27 -3.48 -6.11 6.87
CA ARG A 27 -2.81 -6.04 8.15
C ARG A 27 -3.08 -4.75 8.90
N GLY A 28 -3.34 -3.65 8.19
CA GLY A 28 -3.57 -2.39 8.89
C GLY A 28 -4.93 -2.42 9.57
N ILE A 29 -5.86 -3.19 9.02
CA ILE A 29 -7.12 -3.44 9.71
C ILE A 29 -6.90 -4.04 11.09
N ARG A 30 -6.16 -5.15 11.14
CA ARG A 30 -5.78 -5.80 12.37
C ARG A 30 -5.13 -4.81 13.33
N LYS A 31 -4.17 -4.05 12.81
CA LYS A 31 -3.47 -3.03 13.57
C LYS A 31 -4.42 -1.95 14.12
N GLN A 32 -5.44 -1.59 13.33
CA GLN A 32 -6.41 -0.55 13.74
C GLN A 32 -7.28 -0.95 14.93
N TYR A 33 -7.85 -2.14 14.85
CA TYR A 33 -8.51 -2.77 15.98
C TYR A 33 -7.64 -2.74 17.25
N ARG A 34 -6.41 -3.19 17.14
CA ARG A 34 -5.54 -3.29 18.29
C ARG A 34 -5.17 -1.91 18.87
N LYS A 35 -5.02 -0.92 17.99
CA LYS A 35 -4.71 0.45 18.39
C LYS A 35 -5.88 1.07 19.13
N GLN A 36 -7.08 0.61 18.85
CA GLN A 36 -8.27 1.07 19.55
C GLN A 36 -8.60 0.18 20.72
N ASN A 37 -7.60 -0.58 21.19
CA ASN A 37 -7.73 -1.54 22.27
C ASN A 37 -8.83 -2.60 22.10
N LYS A 38 -9.07 -2.96 20.85
CA LYS A 38 -10.03 -4.01 20.53
C LYS A 38 -9.24 -5.20 20.02
N HIS A 39 -9.83 -6.37 20.17
CA HIS A 39 -9.28 -7.59 19.62
C HIS A 39 -9.61 -7.64 18.12
N SER A 40 -8.64 -8.08 17.32
CA SER A 40 -8.78 -8.16 15.87
C SER A 40 -9.38 -9.50 15.41
N PRO A 41 -10.48 -9.47 14.64
CA PRO A 41 -10.98 -10.72 14.00
C PRO A 41 -9.88 -11.38 13.14
N ILE A 42 -9.14 -10.53 12.42
CA ILE A 42 -8.02 -10.95 11.58
C ILE A 42 -6.80 -11.27 12.40
N GLU A 43 -6.27 -12.50 12.29
CA GLU A 43 -5.03 -12.85 12.93
C GLU A 43 -3.82 -12.79 12.02
N PHE A 44 -3.97 -13.34 10.82
CA PHE A 44 -2.87 -13.51 9.90
C PHE A 44 -3.34 -13.09 8.53
N VAL A 45 -2.45 -12.45 7.79
CA VAL A 45 -2.69 -12.08 6.44
C VAL A 45 -1.53 -12.54 5.59
N THR A 46 -1.89 -13.15 4.48
CA THR A 46 -0.94 -13.76 3.56
C THR A 46 -1.36 -13.35 2.13
N GLY A 47 -0.42 -13.33 1.19
CA GLY A 47 -0.73 -13.15 -0.20
C GLY A 47 0.34 -13.64 -1.15
N ARG A 48 -0.05 -13.86 -2.40
CA ARG A 48 0.84 -14.35 -3.44
C ARG A 48 0.33 -13.94 -4.83
N VAL A 49 1.22 -13.68 -5.76
CA VAL A 49 0.88 -13.69 -7.18
C VAL A 49 0.98 -15.10 -7.71
N LYS A 50 -0.02 -15.55 -8.47
CA LYS A 50 -0.05 -16.89 -8.97
C LYS A 50 1.19 -17.09 -9.82
N PRO A 51 1.90 -18.22 -9.67
CA PRO A 51 3.03 -18.47 -10.57
C PRO A 51 2.58 -18.66 -11.99
N ILE A 52 3.40 -18.21 -12.94
CA ILE A 52 3.16 -18.29 -14.38
C ILE A 52 2.71 -19.67 -14.86
N GLU A 53 3.30 -20.75 -14.36
N GLU A 53 3.34 -20.71 -14.31
CA GLU A 53 2.88 -22.08 -14.83
CA GLU A 53 3.00 -22.10 -14.57
C GLU A 53 1.52 -22.54 -14.24
C GLU A 53 1.53 -22.33 -14.30
N SER A 54 1.14 -21.99 -13.07
CA SER A 54 -0.20 -22.17 -12.58
C SER A 54 -1.20 -21.34 -13.38
N ILE A 55 -0.80 -20.12 -13.78
CA ILE A 55 -1.62 -19.28 -14.63
C ILE A 55 -1.85 -20.00 -15.96
N LYS A 56 -0.79 -20.54 -16.56
CA LYS A 56 -0.90 -21.26 -17.84
C LYS A 56 -1.76 -22.50 -17.76
N GLU A 57 -1.68 -23.21 -16.65
CA GLU A 57 -2.50 -24.37 -16.41
C GLU A 57 -3.95 -23.98 -16.37
N LYS A 58 -4.26 -22.98 -15.58
CA LYS A 58 -5.64 -22.54 -15.39
C LYS A 58 -6.24 -22.02 -16.74
N MSE A 59 -5.42 -21.39 -17.56
CA MSE A 59 -5.82 -20.99 -18.91
C MSE A 59 -6.15 -22.17 -19.79
O MSE A 59 -7.14 -22.13 -20.54
CB MSE A 59 -4.72 -20.21 -19.60
CG MSE A 59 -4.49 -18.84 -19.00
SE MSE A 59 -2.92 -18.01 -19.86
CE MSE A 59 -3.71 -17.82 -21.67
N ALA A 60 -5.32 -23.20 -19.74
CA ALA A 60 -5.61 -24.41 -20.53
C ALA A 60 -6.91 -25.09 -20.05
N ARG A 61 -7.12 -25.16 -18.75
CA ARG A 61 -8.23 -25.90 -18.19
C ARG A 61 -9.55 -25.15 -18.12
N ARG A 62 -9.54 -23.84 -18.32
CA ARG A 62 -10.77 -23.02 -18.29
C ARG A 62 -11.14 -22.46 -19.65
N GLY A 63 -10.16 -22.48 -20.57
CA GLY A 63 -10.35 -22.00 -21.94
C GLY A 63 -10.11 -20.51 -22.05
N ILE A 64 -9.23 -20.01 -21.20
CA ILE A 64 -8.88 -18.59 -21.18
C ILE A 64 -7.70 -18.36 -22.14
N THR A 65 -7.83 -17.37 -23.01
CA THR A 65 -6.74 -16.89 -23.86
C THR A 65 -6.00 -15.71 -23.24
N TYR A 66 -4.88 -15.29 -23.85
CA TYR A 66 -4.10 -14.16 -23.36
C TYR A 66 -4.90 -12.88 -23.35
N ALA A 67 -5.74 -12.70 -24.36
CA ALA A 67 -6.58 -11.52 -24.48
C ALA A 67 -7.58 -11.37 -23.31
N THR A 68 -8.14 -12.48 -22.82
CA THR A 68 -9.15 -12.39 -21.76
C THR A 68 -8.61 -12.74 -20.37
N LEU A 69 -7.31 -13.02 -20.31
CA LEU A 69 -6.69 -13.48 -19.09
C LEU A 69 -7.02 -12.61 -17.89
N GLU A 70 -6.88 -11.29 -18.04
CA GLU A 70 -7.07 -10.40 -16.89
C GLU A 70 -8.55 -10.24 -16.49
N HIS A 71 -9.43 -10.68 -17.38
CA HIS A 71 -10.83 -10.55 -17.12
C HIS A 71 -11.40 -11.82 -16.53
N ASP A 72 -10.82 -12.96 -16.87
CA ASP A 72 -11.43 -14.26 -16.60
C ASP A 72 -10.81 -14.98 -15.43
N LEU A 73 -9.51 -14.78 -15.19
CA LEU A 73 -8.82 -15.37 -14.06
C LEU A 73 -8.88 -14.47 -12.81
N GLN A 74 -9.62 -14.90 -11.80
CA GLN A 74 -9.90 -14.04 -10.65
C GLN A 74 -8.80 -13.91 -9.58
N ASP A 75 -7.81 -14.78 -9.60
CA ASP A 75 -6.93 -14.87 -8.46
C ASP A 75 -5.48 -14.89 -8.85
N ILE A 76 -5.13 -14.22 -9.95
CA ILE A 76 -3.72 -13.90 -10.18
C ILE A 76 -3.14 -13.19 -8.96
N ALA A 77 -3.86 -12.21 -8.40
CA ALA A 77 -3.54 -11.68 -7.08
C ALA A 77 -4.45 -12.42 -6.05
N GLY A 78 -3.85 -13.04 -5.06
CA GLY A 78 -4.58 -13.84 -4.08
C GLY A 78 -4.17 -13.40 -2.69
N LEU A 79 -5.14 -13.16 -1.81
CA LEU A 79 -4.89 -12.79 -0.43
C LEU A 79 -5.61 -13.78 0.40
N ARG A 80 -5.03 -14.07 1.59
CA ARG A 80 -5.60 -15.00 2.56
C ARG A 80 -5.70 -14.30 3.90
N VAL A 81 -6.92 -14.21 4.39
CA VAL A 81 -7.15 -13.57 5.67
C VAL A 81 -7.58 -14.66 6.63
N MSE A 82 -6.80 -14.83 7.70
CA MSE A 82 -7.07 -15.84 8.72
C MSE A 82 -7.79 -15.22 9.89
O MSE A 82 -7.37 -14.20 10.42
CB MSE A 82 -5.75 -16.50 9.16
CG MSE A 82 -5.55 -17.93 8.60
SE MSE A 82 -5.52 -18.04 6.59
CE MSE A 82 -3.79 -16.83 6.29
N VAL A 83 -8.92 -15.82 10.28
CA VAL A 83 -9.77 -15.30 11.34
C VAL A 83 -9.90 -16.38 12.39
N GLN A 84 -10.29 -15.97 13.60
CA GLN A 84 -10.44 -16.88 14.70
C GLN A 84 -11.69 -17.76 14.52
N PHE A 85 -12.84 -17.13 14.26
CA PHE A 85 -14.12 -17.84 14.25
C PHE A 85 -14.78 -17.82 12.88
N VAL A 86 -15.51 -18.89 12.57
CA VAL A 86 -16.42 -18.89 11.41
C VAL A 86 -17.28 -17.62 11.34
N ASP A 87 -17.86 -17.23 12.47
CA ASP A 87 -18.74 -16.08 12.53
C ASP A 87 -17.95 -14.76 12.41
N ASP A 88 -16.60 -14.82 12.44
CA ASP A 88 -15.81 -13.62 12.15
C ASP A 88 -15.78 -13.30 10.65
N VAL A 89 -15.99 -14.32 9.84
CA VAL A 89 -15.93 -14.13 8.39
C VAL A 89 -16.83 -12.97 7.96
N LYS A 90 -18.09 -12.99 8.37
CA LYS A 90 -18.99 -11.92 7.97
C LYS A 90 -18.52 -10.54 8.46
N GLU A 91 -17.78 -10.52 9.56
CA GLU A 91 -17.35 -9.24 10.16
C GLU A 91 -16.27 -8.59 9.28
N VAL A 92 -15.36 -9.44 8.77
CA VAL A 92 -14.34 -9.03 7.80
C VAL A 92 -14.90 -8.64 6.43
N VAL A 93 -15.87 -9.42 5.95
CA VAL A 93 -16.60 -9.07 4.77
C VAL A 93 -17.28 -7.69 4.91
N ASP A 94 -17.88 -7.39 6.05
CA ASP A 94 -18.42 -6.05 6.32
C ASP A 94 -17.39 -4.93 6.18
N ILE A 95 -16.22 -5.13 6.77
CA ILE A 95 -15.15 -4.15 6.66
C ILE A 95 -14.71 -3.97 5.20
N LEU A 96 -14.68 -5.04 4.40
CA LEU A 96 -14.34 -4.92 2.98
C LEU A 96 -15.38 -4.13 2.20
N HIS A 97 -16.68 -4.34 2.48
CA HIS A 97 -17.74 -3.58 1.77
C HIS A 97 -17.68 -2.08 2.01
N LYS A 98 -17.21 -1.71 3.17
CA LYS A 98 -17.02 -0.34 3.61
C LYS A 98 -15.86 0.38 2.86
N ARG A 99 -14.91 -0.35 2.30
CA ARG A 99 -13.73 0.24 1.65
C ARG A 99 -14.00 0.87 0.28
N GLN A 100 -13.45 2.06 0.06
CA GLN A 100 -13.63 2.76 -1.21
C GLN A 100 -12.44 2.52 -2.15
N ASP A 101 -11.48 1.69 -1.75
CA ASP A 101 -10.32 1.40 -2.61
C ASP A 101 -10.49 0.08 -3.36
N MSE A 102 -11.69 -0.46 -3.32
CA MSE A 102 -11.99 -1.69 -4.04
C MSE A 102 -13.48 -1.78 -4.31
O MSE A 102 -14.31 -1.11 -3.64
CB MSE A 102 -11.53 -2.93 -3.26
CG MSE A 102 -12.18 -3.03 -1.89
SE MSE A 102 -11.49 -4.53 -0.81
CE MSE A 102 -9.49 -4.00 -0.56
N ARG A 103 -13.83 -2.60 -5.27
CA ARG A 103 -15.21 -2.86 -5.56
C ARG A 103 -15.39 -4.36 -5.52
N ILE A 104 -16.31 -4.80 -4.67
CA ILE A 104 -16.58 -6.23 -4.49
C ILE A 104 -17.47 -6.69 -5.62
N ILE A 105 -16.93 -7.54 -6.49
CA ILE A 105 -17.74 -7.97 -7.62
C ILE A 105 -18.36 -9.37 -7.47
N GLN A 106 -17.87 -10.20 -6.58
CA GLN A 106 -18.45 -11.52 -6.40
C GLN A 106 -18.05 -12.09 -5.06
N GLU A 107 -18.98 -12.75 -4.39
CA GLU A 107 -18.69 -13.45 -3.15
C GLU A 107 -19.08 -14.92 -3.28
N ARG A 108 -18.28 -15.81 -2.71
CA ARG A 108 -18.62 -17.22 -2.73
C ARG A 108 -18.46 -17.83 -1.36
N ASP A 109 -19.57 -18.37 -0.86
CA ASP A 109 -19.66 -18.85 0.47
C ASP A 109 -19.56 -20.37 0.52
N TYR A 110 -18.35 -20.87 0.67
CA TYR A 110 -18.13 -22.32 0.80
C TYR A 110 -18.03 -22.71 2.25
N ILE A 111 -18.52 -21.85 3.13
CA ILE A 111 -18.73 -22.21 4.50
C ILE A 111 -20.18 -22.68 4.62
N THR A 112 -21.15 -21.81 4.32
CA THR A 112 -22.55 -22.24 4.26
C THR A 112 -22.74 -23.34 3.22
N HIS A 113 -22.14 -23.17 2.03
CA HIS A 113 -22.20 -24.19 0.97
C HIS A 113 -20.87 -24.92 0.83
N ARG A 114 -20.57 -25.70 1.87
CA ARG A 114 -19.37 -26.50 1.93
C ARG A 114 -19.30 -27.43 0.70
N LYS A 115 -18.13 -27.48 0.06
CA LYS A 115 -17.88 -28.43 -1.04
C LYS A 115 -17.95 -29.87 -0.57
N ALA A 116 -18.24 -30.76 -1.53
CA ALA A 116 -18.32 -32.20 -1.33
C ALA A 116 -17.05 -32.78 -0.69
N SER A 117 -15.88 -32.21 -1.04
CA SER A 117 -14.59 -32.69 -0.51
C SER A 117 -14.39 -32.42 0.97
N GLY A 118 -15.14 -31.48 1.49
CA GLY A 118 -14.92 -30.99 2.85
C GLY A 118 -14.39 -29.58 2.88
N TYR A 119 -14.04 -29.02 1.72
CA TYR A 119 -13.46 -27.66 1.65
C TYR A 119 -14.39 -26.58 2.18
N ARG A 120 -13.87 -25.77 3.10
CA ARG A 120 -14.60 -24.61 3.64
C ARG A 120 -13.72 -23.39 3.43
N SER A 121 -14.31 -22.32 2.90
CA SER A 121 -13.63 -21.04 2.73
C SER A 121 -14.63 -20.00 2.29
N TYR A 122 -14.25 -18.73 2.32
CA TYR A 122 -15.15 -17.71 1.83
C TYR A 122 -14.32 -16.85 0.88
N HIS A 123 -14.81 -16.66 -0.34
CA HIS A 123 -14.07 -15.97 -1.41
C HIS A 123 -14.69 -14.62 -1.66
N VAL A 124 -13.90 -13.57 -1.59
CA VAL A 124 -14.34 -12.31 -2.10
C VAL A 124 -13.45 -11.84 -3.25
N VAL A 125 -14.06 -11.70 -4.43
CA VAL A 125 -13.36 -11.22 -5.61
C VAL A 125 -13.59 -9.72 -5.77
N VAL A 126 -12.50 -8.95 -5.92
CA VAL A 126 -12.63 -7.51 -5.90
C VAL A 126 -11.96 -6.91 -7.13
N GLU A 127 -12.45 -5.75 -7.57
CA GLU A 127 -11.70 -4.93 -8.49
C GLU A 127 -10.85 -3.99 -7.66
N TYR A 128 -9.56 -3.96 -7.99
CA TYR A 128 -8.58 -3.16 -7.29
C TYR A 128 -7.76 -2.41 -8.33
N THR A 129 -7.66 -1.11 -8.17
CA THR A 129 -6.87 -0.27 -9.08
C THR A 129 -5.52 0.09 -8.46
N VAL A 130 -4.45 -0.19 -9.19
CA VAL A 130 -3.10 0.26 -8.79
C VAL A 130 -2.66 1.43 -9.68
N ASP A 131 -1.95 2.38 -9.09
CA ASP A 131 -1.30 3.46 -9.86
C ASP A 131 0.10 3.03 -10.26
N THR A 132 0.43 3.32 -11.50
CA THR A 132 1.54 2.70 -12.20
C THR A 132 2.13 3.85 -12.99
N ILE A 133 3.45 3.88 -13.19
CA ILE A 133 4.09 4.92 -14.02
C ILE A 133 3.56 4.95 -15.47
N ASN A 134 2.99 3.82 -15.93
CA ASN A 134 2.22 3.82 -17.17
C ASN A 134 0.72 4.10 -16.99
N GLY A 135 0.32 4.61 -15.83
CA GLY A 135 -1.09 4.94 -15.59
C GLY A 135 -1.80 3.97 -14.66
N ALA A 136 -2.98 4.38 -14.19
CA ALA A 136 -3.85 3.53 -13.40
C ALA A 136 -4.16 2.23 -14.13
N LYS A 137 -4.14 1.12 -13.40
CA LYS A 137 -4.44 -0.18 -13.94
C LYS A 137 -5.37 -0.95 -12.96
N THR A 138 -6.53 -1.37 -13.43
CA THR A 138 -7.50 -2.13 -12.64
C THR A 138 -7.31 -3.64 -12.82
N ILE A 139 -7.19 -4.36 -11.72
CA ILE A 139 -6.99 -5.80 -11.76
C ILE A 139 -8.07 -6.51 -10.92
N LEU A 140 -8.28 -7.81 -11.19
CA LEU A 140 -9.01 -8.65 -10.25
C LEU A 140 -8.08 -9.21 -9.15
N ALA A 141 -8.52 -9.10 -7.90
CA ALA A 141 -7.85 -9.83 -6.80
C ALA A 141 -8.86 -10.72 -6.05
N GLU A 142 -8.43 -11.87 -5.57
CA GLU A 142 -9.29 -12.72 -4.80
C GLU A 142 -8.83 -12.73 -3.34
N ILE A 143 -9.69 -12.25 -2.43
CA ILE A 143 -9.43 -12.34 -1.01
C ILE A 143 -10.22 -13.51 -0.41
N GLN A 144 -9.52 -14.51 0.11
CA GLN A 144 -10.15 -15.60 0.81
C GLN A 144 -10.12 -15.41 2.33
N ILE A 145 -11.19 -15.79 3.00
CA ILE A 145 -11.24 -15.62 4.43
C ILE A 145 -11.44 -16.98 5.05
N ARG A 146 -10.60 -17.34 6.00
CA ARG A 146 -10.61 -18.69 6.51
C ARG A 146 -10.34 -18.70 8.01
N THR A 147 -10.84 -19.73 8.71
CA THR A 147 -10.31 -19.99 10.02
C THR A 147 -8.99 -20.75 9.88
N LEU A 148 -8.27 -20.84 10.98
CA LEU A 148 -7.01 -21.56 10.96
C LEU A 148 -7.25 -23.02 10.65
N ALA A 149 -8.32 -23.60 11.17
CA ALA A 149 -8.62 -25.00 10.87
C ALA A 149 -9.02 -25.22 9.37
N MSE A 150 -9.85 -24.32 8.81
CA MSE A 150 -10.12 -24.28 7.38
C MSE A 150 -8.84 -24.15 6.55
O MSE A 150 -8.62 -24.91 5.64
CB MSE A 150 -11.09 -23.15 6.97
CG MSE A 150 -12.49 -23.26 7.48
SE MSE A 150 -13.49 -21.63 6.97
CE MSE A 150 -14.97 -21.62 8.33
N ASN A 151 -7.99 -23.19 6.88
CA ASN A 151 -6.72 -23.02 6.21
C ASN A 151 -5.78 -24.24 6.28
N PHE A 152 -5.68 -24.86 7.45
CA PHE A 152 -4.88 -26.06 7.63
C PHE A 152 -5.39 -27.19 6.73
N TRP A 153 -6.69 -27.41 6.67
CA TRP A 153 -7.19 -28.50 5.87
C TRP A 153 -7.05 -28.20 4.37
N ALA A 154 -7.43 -26.98 3.97
CA ALA A 154 -7.43 -26.59 2.55
C ALA A 154 -6.05 -26.57 1.93
N THR A 155 -5.05 -26.01 2.61
CA THR A 155 -3.72 -25.89 2.02
C THR A 155 -3.18 -27.29 1.82
N ILE A 156 -3.46 -28.19 2.75
CA ILE A 156 -3.04 -29.60 2.65
C ILE A 156 -3.79 -30.37 1.54
N GLU A 157 -5.09 -30.14 1.39
CA GLU A 157 -5.88 -30.81 0.36
C GLU A 157 -5.41 -30.37 -1.04
N HIS A 158 -5.12 -29.08 -1.18
CA HIS A 158 -4.63 -28.50 -2.38
C HIS A 158 -3.28 -29.10 -2.79
N SER A 159 -2.37 -29.23 -1.83
CA SER A 159 -1.08 -29.86 -2.08
C SER A 159 -1.21 -31.31 -2.56
N LEU A 160 -2.01 -32.09 -1.85
CA LEU A 160 -2.24 -33.47 -2.25
C LEU A 160 -2.89 -33.50 -3.62
N ASN A 161 -3.82 -32.58 -3.86
CA ASN A 161 -4.55 -32.55 -5.11
C ASN A 161 -3.70 -32.17 -6.35
N TYR A 162 -2.65 -31.40 -6.15
CA TYR A 162 -1.69 -31.13 -7.19
C TYR A 162 -1.10 -32.48 -7.67
N LYS A 163 -0.71 -33.33 -6.74
CA LYS A 163 -0.26 -34.66 -7.11
C LYS A 163 -1.36 -35.59 -7.69
N TYR A 164 -2.52 -35.67 -7.05
CA TYR A 164 -3.49 -36.73 -7.38
C TYR A 164 -4.65 -36.30 -8.25
N GLN A 165 -4.85 -34.99 -8.38
CA GLN A 165 -5.93 -34.42 -9.20
C GLN A 165 -7.24 -35.15 -9.11
N GLY A 166 -7.75 -35.32 -7.89
CA GLY A 166 -9.06 -35.91 -7.71
C GLY A 166 -9.01 -37.39 -7.41
N ASP A 167 -7.87 -38.02 -7.73
CA ASP A 167 -7.68 -39.46 -7.55
C ASP A 167 -6.79 -39.86 -6.36
N PHE A 168 -7.29 -39.59 -5.15
CA PHE A 168 -6.54 -39.88 -3.94
C PHE A 168 -6.46 -41.39 -3.63
N PRO A 169 -5.28 -41.88 -3.26
CA PRO A 169 -5.32 -43.23 -2.69
C PRO A 169 -6.35 -43.32 -1.55
N ASP A 170 -7.03 -44.46 -1.47
CA ASP A 170 -8.05 -44.76 -0.46
C ASP A 170 -7.67 -44.31 0.94
N GLU A 171 -6.41 -44.56 1.29
CA GLU A 171 -5.93 -44.19 2.60
C GLU A 171 -5.86 -42.68 2.81
N ILE A 172 -5.44 -41.96 1.79
CA ILE A 172 -5.29 -40.53 1.86
C ILE A 172 -6.67 -39.85 1.90
N LYS A 173 -7.58 -40.28 1.02
CA LYS A 173 -8.96 -39.85 1.02
C LYS A 173 -9.69 -40.08 2.37
N LYS A 174 -9.53 -41.27 2.96
CA LYS A 174 -10.15 -41.56 4.25
C LYS A 174 -9.70 -40.50 5.25
N ARG A 175 -8.42 -40.16 5.18
CA ARG A 175 -7.83 -39.21 6.09
C ARG A 175 -8.27 -37.78 5.80
N LEU A 176 -8.32 -37.41 4.53
CA LEU A 176 -8.90 -36.13 4.11
C LEU A 176 -10.32 -35.94 4.63
N GLU A 177 -11.10 -37.00 4.61
CA GLU A 177 -12.51 -36.91 5.02
C GLU A 177 -12.64 -36.85 6.52
N ILE A 178 -11.86 -37.64 7.28
CA ILE A 178 -11.95 -37.52 8.71
C ILE A 178 -11.43 -36.17 9.23
N THR A 179 -10.29 -35.70 8.69
CA THR A 179 -9.76 -34.40 9.07
C THR A 179 -10.72 -33.27 8.70
N ALA A 180 -11.39 -33.35 7.55
CA ALA A 180 -12.38 -32.33 7.18
C ALA A 180 -13.52 -32.27 8.19
N ARG A 181 -14.01 -33.43 8.63
CA ARG A 181 -14.99 -33.54 9.72
C ARG A 181 -14.43 -33.00 11.05
N ILE A 182 -13.26 -33.48 11.46
CA ILE A 182 -12.62 -32.98 12.69
C ILE A 182 -12.44 -31.45 12.68
N ALA A 183 -11.99 -30.88 11.56
CA ALA A 183 -11.73 -29.44 11.45
C ALA A 183 -13.02 -28.60 11.55
N HIS A 184 -14.07 -29.03 10.86
CA HIS A 184 -15.38 -28.43 10.98
C HIS A 184 -15.89 -28.49 12.42
N GLN A 185 -15.73 -29.66 13.03
CA GLN A 185 -16.13 -29.89 14.40
C GLN A 185 -15.36 -29.01 15.37
N LEU A 186 -14.07 -28.79 15.09
CA LEU A 186 -13.28 -27.87 15.90
C LEU A 186 -13.89 -26.48 15.88
N ASP A 187 -14.19 -25.96 14.69
CA ASP A 187 -14.82 -24.67 14.53
C ASP A 187 -16.25 -24.61 15.06
N GLU A 188 -17.02 -25.68 14.90
CA GLU A 188 -18.37 -25.70 15.47
C GLU A 188 -18.34 -25.75 17.00
N GLU A 189 -17.46 -26.55 17.57
CA GLU A 189 -17.45 -26.68 19.02
C GLU A 189 -17.02 -25.38 19.69
N MSE A 190 -16.00 -24.76 19.11
CA MSE A 190 -15.51 -23.49 19.62
C MSE A 190 -16.52 -22.38 19.41
O MSE A 190 -16.66 -21.50 20.27
CB MSE A 190 -14.16 -23.16 18.99
CG MSE A 190 -13.29 -22.30 19.86
SE MSE A 190 -12.66 -23.13 21.52
CE MSE A 190 -14.28 -23.69 22.48
N GLY A 191 -17.25 -22.44 18.30
CA GLY A 191 -18.29 -21.43 17.97
C GLY A 191 -19.35 -21.38 19.03
N GLU A 192 -19.62 -22.52 19.65
CA GLU A 192 -20.62 -22.68 20.70
C GLU A 192 -20.34 -21.75 21.88
N ILE A 193 -19.07 -21.43 22.15
CA ILE A 193 -18.71 -20.50 23.23
C ILE A 193 -17.98 -19.26 22.72
N ARG A 194 -18.30 -18.85 21.50
CA ARG A 194 -17.71 -17.68 20.89
C ARG A 194 -18.03 -16.43 21.71
N ASP A 195 -19.26 -16.34 22.20
CA ASP A 195 -19.69 -15.13 22.89
C ASP A 195 -18.87 -14.98 24.16
N ASP A 196 -18.65 -16.09 24.86
CA ASP A 196 -17.86 -16.11 26.09
C ASP A 196 -16.40 -15.76 25.82
N ILE A 197 -15.84 -16.31 24.75
CA ILE A 197 -14.46 -16.04 24.40
C ILE A 197 -14.28 -14.56 24.05
N GLN A 198 -15.21 -13.98 23.28
CA GLN A 198 -15.06 -12.59 22.83
C GLN A 198 -15.25 -11.60 23.97
N GLU A 199 -16.16 -11.91 24.88
CA GLU A 199 -16.36 -11.10 26.05
C GLU A 199 -15.05 -11.06 26.88
N ALA A 200 -14.43 -12.22 27.08
CA ALA A 200 -13.13 -12.32 27.75
C ALA A 200 -12.00 -11.56 27.02
N GLN A 201 -11.93 -11.69 25.70
CA GLN A 201 -10.98 -10.93 24.84
C GLN A 201 -11.14 -9.41 24.88
N ALA A 202 -12.33 -8.91 25.09
CA ALA A 202 -12.54 -7.46 25.17
C ALA A 202 -11.95 -6.90 26.48
N LEU A 203 -11.75 -7.77 27.47
CA LEU A 203 -11.20 -7.35 28.75
C LEU A 203 -9.70 -7.01 28.70
N PHE A 204 -8.91 -7.79 27.96
CA PHE A 204 -7.47 -7.55 27.85
C PHE A 204 -6.89 -8.17 26.58
N ASP A 205 -6.32 -7.31 25.73
CA ASP A 205 -5.58 -7.77 24.54
C ASP A 205 -4.07 -7.44 24.67
N PRO A 206 -3.20 -8.49 24.84
CA PRO A 206 -1.74 -8.33 25.05
C PRO A 206 -0.99 -7.77 23.81
N THR B 5 -1.61 13.61 24.02
CA THR B 5 -2.73 12.87 24.68
C THR B 5 -3.38 11.82 23.77
N LEU B 6 -4.40 11.15 24.29
CA LEU B 6 -5.17 10.17 23.56
C LEU B 6 -6.06 10.85 22.52
N GLU B 7 -6.52 12.08 22.82
CA GLU B 7 -7.41 12.85 21.93
C GLU B 7 -6.69 13.28 20.65
N TRP B 8 -5.43 13.68 20.82
CA TRP B 8 -4.55 14.02 19.72
C TRP B 8 -4.11 12.82 18.92
N GLU B 9 -3.91 11.69 19.61
CA GLU B 9 -3.60 10.40 18.98
C GLU B 9 -4.71 10.02 17.99
N GLU B 10 -5.97 10.15 18.44
CA GLU B 10 -7.15 9.88 17.62
C GLU B 10 -7.30 10.77 16.39
N PHE B 11 -7.10 12.08 16.58
CA PHE B 11 -7.19 13.05 15.49
C PHE B 11 -6.10 12.84 14.43
N LEU B 12 -4.93 12.40 14.87
CA LEU B 12 -3.80 12.22 13.99
C LEU B 12 -3.70 10.85 13.33
N ASP B 13 -4.44 9.85 13.85
CA ASP B 13 -4.46 8.50 13.26
C ASP B 13 -4.52 8.53 11.71
N PRO B 14 -5.57 9.18 11.15
CA PRO B 14 -5.66 9.17 9.70
C PRO B 14 -4.43 9.79 8.99
N TYR B 15 -3.86 10.86 9.52
CA TYR B 15 -2.63 11.45 8.96
C TYR B 15 -1.43 10.51 9.09
N ILE B 16 -1.31 9.81 10.21
CA ILE B 16 -0.28 8.78 10.40
C ILE B 16 -0.45 7.61 9.41
N GLN B 17 -1.67 7.13 9.24
CA GLN B 17 -1.90 6.13 8.22
C GLN B 17 -1.54 6.62 6.79
N ALA B 18 -1.86 7.87 6.48
CA ALA B 18 -1.66 8.38 5.12
C ALA B 18 -0.17 8.51 4.78
N VAL B 19 0.61 9.07 5.70
CA VAL B 19 2.04 9.14 5.51
C VAL B 19 2.61 7.74 5.26
N GLY B 20 2.25 6.77 6.11
CA GLY B 20 2.65 5.38 5.89
C GLY B 20 2.35 4.87 4.48
N GLU B 21 1.12 5.04 4.01
CA GLU B 21 0.72 4.53 2.72
C GLU B 21 1.41 5.26 1.58
N LEU B 22 1.51 6.58 1.69
CA LEU B 22 2.10 7.41 0.66
C LEU B 22 3.61 7.17 0.52
N LYS B 23 4.33 6.99 1.65
CA LYS B 23 5.73 6.55 1.62
C LYS B 23 5.89 5.28 0.81
N ILE B 24 5.12 4.25 1.12
CA ILE B 24 5.22 3.01 0.36
C ILE B 24 4.90 3.31 -1.10
N LYS B 25 3.78 3.98 -1.35
CA LYS B 25 3.39 4.24 -2.72
C LYS B 25 4.46 5.02 -3.52
N LEU B 26 5.02 6.08 -2.95
CA LEU B 26 5.97 6.93 -3.68
C LEU B 26 7.30 6.22 -3.90
N ARG B 27 7.73 5.43 -2.92
CA ARG B 27 8.84 4.50 -3.09
C ARG B 27 8.66 3.47 -4.19
N GLY B 28 7.43 3.05 -4.48
CA GLY B 28 7.16 2.09 -5.52
C GLY B 28 7.21 2.67 -6.92
N ILE B 29 7.04 3.98 -7.04
CA ILE B 29 7.30 4.67 -8.30
C ILE B 29 8.75 4.39 -8.70
N ARG B 30 9.68 4.60 -7.77
CA ARG B 30 11.10 4.38 -8.03
C ARG B 30 11.35 2.94 -8.47
N LYS B 31 10.82 1.97 -7.72
CA LYS B 31 11.03 0.55 -8.04
C LYS B 31 10.49 0.23 -9.44
N GLN B 32 9.43 0.92 -9.85
CA GLN B 32 8.85 0.71 -11.15
C GLN B 32 9.71 1.23 -12.29
N TYR B 33 10.46 2.29 -12.04
CA TYR B 33 11.36 2.84 -13.04
C TYR B 33 12.59 1.95 -13.20
N ARG B 34 13.14 1.50 -12.07
CA ARG B 34 14.33 0.65 -12.08
C ARG B 34 14.05 -0.72 -12.70
N LYS B 35 12.91 -1.32 -12.36
CA LYS B 35 12.53 -2.63 -12.88
C LYS B 35 12.37 -2.59 -14.41
N GLN B 36 11.93 -1.45 -14.93
CA GLN B 36 11.75 -1.24 -16.39
C GLN B 36 12.98 -0.54 -16.99
N ASN B 37 14.11 -0.67 -16.30
CA ASN B 37 15.40 -0.10 -16.73
C ASN B 37 15.34 1.31 -17.27
N LYS B 38 14.97 2.27 -16.42
CA LYS B 38 14.94 3.69 -16.79
C LYS B 38 15.42 4.51 -15.59
N HIS B 39 15.92 5.73 -15.84
CA HIS B 39 16.26 6.67 -14.76
C HIS B 39 15.00 6.90 -13.97
N SER B 40 15.09 6.62 -12.66
CA SER B 40 14.04 6.99 -11.75
C SER B 40 14.20 8.47 -11.44
N PRO B 41 13.14 9.26 -11.68
CA PRO B 41 13.11 10.65 -11.25
C PRO B 41 13.23 10.75 -9.72
N ILE B 42 12.69 9.75 -9.01
CA ILE B 42 12.71 9.67 -7.54
C ILE B 42 13.91 8.91 -7.03
N GLU B 43 14.61 9.49 -6.06
CA GLU B 43 15.76 8.87 -5.43
C GLU B 43 15.32 8.24 -4.14
N PHE B 44 14.74 9.03 -3.25
CA PHE B 44 14.18 8.48 -2.04
C PHE B 44 13.09 9.38 -1.49
N VAL B 45 12.35 8.85 -0.52
CA VAL B 45 11.15 9.48 -0.01
C VAL B 45 11.19 9.41 1.50
N THR B 46 10.75 10.49 2.14
CA THR B 46 10.60 10.52 3.59
C THR B 46 9.31 11.24 3.90
N GLY B 47 8.87 11.18 5.15
CA GLY B 47 7.66 11.86 5.58
C GLY B 47 7.49 11.76 7.08
N ARG B 48 6.63 12.61 7.63
CA ARG B 48 6.33 12.63 9.05
C ARG B 48 4.99 13.32 9.25
N VAL B 49 4.36 13.10 10.41
CA VAL B 49 3.23 13.91 10.86
C VAL B 49 3.76 15.13 11.62
N LYS B 50 3.24 16.34 11.34
CA LYS B 50 3.65 17.51 12.14
C LYS B 50 3.50 17.19 13.63
N PRO B 51 4.58 17.39 14.41
CA PRO B 51 4.49 17.21 15.88
C PRO B 51 3.44 18.12 16.51
N ILE B 52 2.70 17.60 17.47
CA ILE B 52 1.59 18.30 18.14
C ILE B 52 1.88 19.79 18.38
N GLU B 53 3.04 20.05 18.99
CA GLU B 53 3.53 21.41 19.30
C GLU B 53 3.51 22.39 18.11
N SER B 54 4.05 21.97 16.97
CA SER B 54 4.10 22.78 15.74
C SER B 54 2.72 23.12 15.17
N ILE B 55 1.80 22.18 15.29
CA ILE B 55 0.42 22.40 14.84
C ILE B 55 -0.24 23.50 15.66
N LYS B 56 -0.13 23.41 16.99
CA LYS B 56 -0.94 24.23 17.89
C LYS B 56 -0.85 25.74 17.62
N GLU B 57 0.37 26.25 17.51
CA GLU B 57 0.59 27.68 17.27
C GLU B 57 -0.11 28.11 15.99
N LYS B 58 0.12 27.34 14.94
CA LYS B 58 -0.19 27.74 13.58
C LYS B 58 -1.65 27.56 13.15
N MSE B 59 -2.61 27.95 14.00
CA MSE B 59 -4.02 27.89 13.63
C MSE B 59 -4.90 29.05 14.11
O MSE B 59 -4.84 29.44 15.28
CB MSE B 59 -4.67 26.52 13.96
CG MSE B 59 -4.05 25.73 15.14
SE MSE B 59 -5.09 24.10 15.67
CE MSE B 59 -5.22 23.11 13.90
N ALA B 60 -5.71 29.59 13.19
CA ALA B 60 -6.61 30.70 13.48
C ALA B 60 -8.05 30.23 13.70
N HIS B 71 -9.55 21.35 5.79
CA HIS B 71 -8.96 21.99 6.97
C HIS B 71 -8.23 23.32 6.67
N ASP B 72 -7.59 23.39 5.51
CA ASP B 72 -6.58 24.42 5.19
C ASP B 72 -5.50 24.65 6.32
N LEU B 73 -5.11 23.55 6.96
CA LEU B 73 -3.74 23.40 7.47
C LEU B 73 -3.16 22.19 6.72
N GLN B 74 -2.33 22.55 5.76
CA GLN B 74 -2.11 21.76 4.58
C GLN B 74 -1.13 20.61 4.77
N ASP B 75 -0.29 20.71 5.81
CA ASP B 75 0.92 19.89 5.91
C ASP B 75 1.03 19.02 7.16
N ILE B 76 -0.10 18.76 7.83
CA ILE B 76 -0.12 17.82 8.96
C ILE B 76 0.51 16.49 8.55
N ALA B 77 0.08 15.96 7.40
CA ALA B 77 0.79 14.87 6.73
C ALA B 77 1.75 15.49 5.71
N GLY B 78 3.05 15.23 5.85
CA GLY B 78 4.05 15.79 4.96
C GLY B 78 4.93 14.71 4.36
N LEU B 79 5.17 14.77 3.06
CA LEU B 79 6.03 13.82 2.38
C LEU B 79 7.09 14.59 1.63
N ARG B 80 8.27 14.01 1.53
CA ARG B 80 9.39 14.65 0.94
C ARG B 80 9.90 13.71 -0.12
N VAL B 81 9.91 14.14 -1.37
CA VAL B 81 10.36 13.28 -2.47
C VAL B 81 11.66 13.87 -2.99
N MSE B 82 12.77 13.14 -2.88
CA MSE B 82 14.06 13.65 -3.37
C MSE B 82 14.40 13.15 -4.77
O MSE B 82 14.32 11.94 -5.04
CB MSE B 82 15.23 13.29 -2.41
CG MSE B 82 15.47 14.31 -1.35
SE MSE B 82 13.82 14.73 -0.24
CE MSE B 82 13.67 12.98 0.86
N VAL B 83 14.83 14.08 -5.61
CA VAL B 83 15.20 13.80 -6.99
C VAL B 83 16.63 14.29 -7.23
N GLN B 84 17.32 13.76 -8.22
CA GLN B 84 18.71 14.16 -8.53
C GLN B 84 18.85 15.55 -9.13
N PHE B 85 17.96 15.89 -10.08
CA PHE B 85 18.06 17.10 -10.86
C PHE B 85 16.78 17.90 -10.78
N VAL B 86 16.89 19.21 -10.99
CA VAL B 86 15.73 20.09 -11.03
C VAL B 86 14.71 19.65 -12.06
N ASP B 87 15.18 19.25 -13.26
CA ASP B 87 14.31 18.78 -14.33
C ASP B 87 13.45 17.57 -13.95
N ASP B 88 13.91 16.77 -12.99
CA ASP B 88 13.08 15.65 -12.51
C ASP B 88 11.85 16.11 -11.76
N VAL B 89 11.83 17.37 -11.31
CA VAL B 89 10.73 17.79 -10.44
C VAL B 89 9.43 17.74 -11.21
N LYS B 90 9.44 18.20 -12.47
CA LYS B 90 8.23 18.23 -13.26
C LYS B 90 7.80 16.84 -13.69
N GLU B 91 8.77 15.93 -13.82
CA GLU B 91 8.48 14.55 -14.17
C GLU B 91 7.64 13.90 -13.06
N VAL B 92 7.99 14.20 -11.80
CA VAL B 92 7.28 13.74 -10.63
C VAL B 92 5.90 14.40 -10.46
N VAL B 93 5.81 15.70 -10.75
CA VAL B 93 4.55 16.39 -10.65
C VAL B 93 3.54 15.77 -11.64
N ASP B 94 4.02 15.43 -12.83
CA ASP B 94 3.16 14.78 -13.85
C ASP B 94 2.65 13.43 -13.46
N ILE B 95 3.51 12.64 -12.85
CA ILE B 95 3.14 11.34 -12.32
C ILE B 95 2.02 11.50 -11.28
N LEU B 96 2.16 12.48 -10.39
CA LEU B 96 1.17 12.76 -9.36
C LEU B 96 -0.19 13.13 -9.99
N HIS B 97 -0.16 13.89 -11.08
CA HIS B 97 -1.36 14.22 -11.84
C HIS B 97 -2.05 12.98 -12.40
N LYS B 98 -1.28 12.00 -12.86
CA LYS B 98 -1.87 10.76 -13.41
C LYS B 98 -2.42 9.77 -12.37
N ARG B 99 -2.22 10.06 -11.08
CA ARG B 99 -2.60 9.15 -9.99
C ARG B 99 -4.08 9.24 -9.68
N GLN B 100 -4.67 8.08 -9.39
N GLN B 100 -4.72 8.09 -9.42
CA GLN B 100 -6.09 7.93 -9.16
CA GLN B 100 -6.15 8.07 -9.11
C GLN B 100 -6.46 7.93 -7.65
C GLN B 100 -6.48 8.03 -7.61
N ASP B 101 -5.46 7.86 -6.78
CA ASP B 101 -5.65 7.79 -5.33
C ASP B 101 -5.54 9.15 -4.62
N MSE B 102 -5.52 10.23 -5.39
CA MSE B 102 -5.30 11.56 -4.84
C MSE B 102 -5.75 12.58 -5.83
O MSE B 102 -5.75 12.35 -7.04
CB MSE B 102 -3.82 11.79 -4.48
CG MSE B 102 -2.90 11.91 -5.68
SE MSE B 102 -0.98 12.00 -5.29
CE MSE B 102 -0.72 10.39 -4.15
N ARG B 103 -6.12 13.73 -5.31
CA ARG B 103 -6.52 14.86 -6.12
C ARG B 103 -5.66 16.05 -5.74
N ILE B 104 -4.99 16.63 -6.72
CA ILE B 104 -4.13 17.77 -6.46
C ILE B 104 -4.97 19.04 -6.26
N ILE B 105 -4.77 19.67 -5.11
CA ILE B 105 -5.56 20.82 -4.68
C ILE B 105 -4.78 22.13 -4.90
N GLN B 106 -3.45 22.04 -4.85
CA GLN B 106 -2.61 23.19 -4.81
C GLN B 106 -1.16 22.86 -5.12
N GLU B 107 -0.55 23.65 -5.98
CA GLU B 107 0.88 23.55 -6.26
C GLU B 107 1.58 24.88 -6.02
N ARG B 108 2.75 24.83 -5.42
CA ARG B 108 3.56 26.02 -5.18
C ARG B 108 4.99 25.73 -5.59
N ASP B 109 5.44 26.50 -6.58
CA ASP B 109 6.80 26.36 -7.09
C ASP B 109 7.79 27.25 -6.28
N TYR B 110 8.30 26.73 -5.17
CA TYR B 110 9.36 27.45 -4.41
C TYR B 110 10.76 27.07 -4.88
N ILE B 111 10.85 26.35 -5.99
CA ILE B 111 12.11 26.09 -6.67
C ILE B 111 12.47 27.24 -7.64
N THR B 112 11.56 27.61 -8.54
CA THR B 112 11.77 28.75 -9.42
C THR B 112 11.74 30.05 -8.61
N HIS B 113 10.92 30.06 -7.56
CA HIS B 113 10.84 31.20 -6.65
C HIS B 113 11.07 30.77 -5.20
N ARG B 114 12.31 30.88 -4.78
CA ARG B 114 12.70 30.43 -3.43
C ARG B 114 12.09 31.26 -2.29
N LYS B 115 12.14 30.71 -1.08
CA LYS B 115 11.76 31.45 0.11
C LYS B 115 12.91 32.34 0.53
N ALA B 116 12.61 33.33 1.38
CA ALA B 116 13.60 34.30 1.84
C ALA B 116 14.76 33.63 2.57
N SER B 117 14.49 32.51 3.24
CA SER B 117 15.53 31.80 4.02
C SER B 117 16.55 31.12 3.11
N GLY B 118 16.14 30.86 1.88
CA GLY B 118 16.97 30.10 0.97
C GLY B 118 16.30 28.80 0.58
N TYR B 119 15.26 28.43 1.33
CA TYR B 119 14.53 27.20 1.11
C TYR B 119 13.95 27.11 -0.30
N ARG B 120 14.20 25.98 -0.97
CA ARG B 120 13.71 25.69 -2.30
C ARG B 120 13.00 24.35 -2.31
N SER B 121 11.83 24.28 -2.93
CA SER B 121 11.03 23.06 -2.94
C SER B 121 9.84 23.23 -3.83
N TYR B 122 9.35 22.13 -4.39
CA TYR B 122 8.07 22.20 -5.10
C TYR B 122 6.97 21.53 -4.26
N HIS B 123 5.93 22.27 -3.92
CA HIS B 123 4.92 21.77 -3.00
C HIS B 123 3.66 21.36 -3.74
N VAL B 124 3.24 20.11 -3.52
CA VAL B 124 1.95 19.66 -4.02
C VAL B 124 1.01 19.19 -2.91
N VAL B 125 -0.10 19.90 -2.77
CA VAL B 125 -1.09 19.62 -1.74
C VAL B 125 -2.21 18.79 -2.39
N VAL B 126 -2.55 17.67 -1.75
CA VAL B 126 -3.48 16.71 -2.31
C VAL B 126 -4.53 16.35 -1.27
N GLU B 127 -5.75 16.03 -1.70
CA GLU B 127 -6.65 15.26 -0.88
C GLU B 127 -6.29 13.81 -1.09
N TYR B 128 -6.28 13.08 0.02
CA TYR B 128 -5.97 11.68 0.06
C TYR B 128 -6.95 11.02 1.00
N THR B 129 -7.48 9.86 0.59
CA THR B 129 -8.49 9.16 1.36
C THR B 129 -7.88 7.90 1.87
N VAL B 130 -8.20 7.60 3.12
CA VAL B 130 -7.60 6.53 3.88
C VAL B 130 -8.78 5.63 4.27
N ASP B 131 -8.65 4.31 4.15
CA ASP B 131 -9.73 3.44 4.62
C ASP B 131 -9.45 3.01 6.03
N THR B 132 -10.44 3.19 6.90
CA THR B 132 -10.30 2.73 8.27
C THR B 132 -11.45 1.80 8.59
N ILE B 133 -11.34 1.10 9.72
CA ILE B 133 -12.38 0.20 10.17
C ILE B 133 -13.62 1.01 10.56
N ASN B 134 -13.44 2.31 10.70
CA ASN B 134 -14.54 3.24 10.99
C ASN B 134 -14.98 4.03 9.78
N GLY B 135 -14.65 3.53 8.59
CA GLY B 135 -14.94 4.24 7.36
C GLY B 135 -13.79 5.08 6.81
N ALA B 136 -14.00 5.50 5.57
CA ALA B 136 -13.11 6.33 4.81
C ALA B 136 -13.00 7.71 5.43
N LYS B 137 -11.80 8.24 5.36
CA LYS B 137 -11.45 9.53 5.92
C LYS B 137 -10.57 10.20 4.86
N THR B 138 -10.97 11.38 4.43
CA THR B 138 -10.22 12.18 3.48
C THR B 138 -9.53 13.30 4.24
N ILE B 139 -8.21 13.41 4.04
CA ILE B 139 -7.37 14.39 4.72
C ILE B 139 -6.60 15.12 3.62
N LEU B 140 -5.97 16.24 3.98
CA LEU B 140 -5.05 16.88 3.07
C LEU B 140 -3.64 16.36 3.41
N ALA B 141 -2.77 16.27 2.41
CA ALA B 141 -1.34 15.96 2.64
C ALA B 141 -0.48 16.82 1.71
N GLU B 142 0.67 17.25 2.20
CA GLU B 142 1.58 18.06 1.40
C GLU B 142 2.76 17.22 0.96
N ILE B 143 2.97 17.14 -0.35
CA ILE B 143 4.10 16.39 -0.90
C ILE B 143 5.10 17.43 -1.35
N GLN B 144 6.29 17.40 -0.74
CA GLN B 144 7.33 18.36 -1.11
C GLN B 144 8.31 17.68 -1.97
N ILE B 145 8.45 18.15 -3.19
CA ILE B 145 9.50 17.61 -4.07
C ILE B 145 10.73 18.54 -4.05
N ARG B 146 11.90 17.94 -3.89
CA ARG B 146 13.14 18.73 -3.86
C ARG B 146 14.33 17.90 -4.30
N THR B 147 15.37 18.60 -4.73
CA THR B 147 16.64 17.94 -5.05
C THR B 147 17.41 17.49 -3.81
N LEU B 148 18.40 16.65 -4.06
CA LEU B 148 19.35 16.21 -3.05
C LEU B 148 20.06 17.40 -2.40
N ALA B 149 20.46 18.37 -3.20
CA ALA B 149 21.13 19.57 -2.71
C ALA B 149 20.21 20.42 -1.82
N MSE B 150 18.97 20.67 -2.25
CA MSE B 150 17.95 21.35 -1.39
C MSE B 150 17.60 20.54 -0.13
O MSE B 150 17.33 21.10 0.92
CB MSE B 150 16.63 21.64 -2.14
CG MSE B 150 16.75 22.20 -3.58
SE MSE B 150 15.02 21.97 -4.64
CE MSE B 150 15.64 22.78 -6.43
N ASN B 151 17.58 19.23 -0.26
CA ASN B 151 17.33 18.41 0.92
C ASN B 151 18.51 18.43 1.90
N PHE B 152 19.74 18.51 1.37
CA PHE B 152 20.88 18.69 2.20
C PHE B 152 20.73 19.97 3.03
N TRP B 153 20.34 21.06 2.36
CA TRP B 153 20.27 22.37 3.03
C TRP B 153 19.11 22.42 4.01
N ALA B 154 17.91 22.02 3.55
CA ALA B 154 16.69 22.07 4.36
C ALA B 154 16.78 21.18 5.61
N THR B 155 17.41 20.01 5.48
CA THR B 155 17.55 19.10 6.65
C THR B 155 18.36 19.76 7.72
N ILE B 156 19.48 20.35 7.33
CA ILE B 156 20.36 21.00 8.31
C ILE B 156 19.75 22.27 8.88
N GLU B 157 19.22 23.13 8.01
CA GLU B 157 18.51 24.32 8.46
C GLU B 157 17.39 23.97 9.44
N HIS B 158 16.58 22.98 9.08
CA HIS B 158 15.55 22.55 9.99
C HIS B 158 16.04 22.11 11.38
N SER B 159 17.12 21.31 11.46
CA SER B 159 17.66 20.89 12.78
C SER B 159 18.25 22.02 13.60
N LEU B 160 19.02 22.90 12.97
CA LEU B 160 19.59 24.06 13.67
C LEU B 160 18.51 24.95 14.26
N ASN B 161 17.47 25.21 13.46
CA ASN B 161 16.27 25.93 13.90
C ASN B 161 15.60 25.30 15.12
N TYR B 162 15.16 24.05 14.97
CA TYR B 162 14.53 23.29 16.07
C TYR B 162 15.38 23.29 17.34
N LYS B 163 16.69 23.24 17.19
CA LYS B 163 17.59 23.31 18.34
C LYS B 163 17.82 24.74 18.89
N TYR B 164 17.45 25.78 18.14
CA TYR B 164 17.69 27.18 18.56
C TYR B 164 16.51 27.85 19.29
N GLN B 165 15.86 28.82 18.64
CA GLN B 165 14.90 29.74 19.29
C GLN B 165 15.12 29.94 20.79
N ASP B 167 14.56 32.44 17.31
CA ASP B 167 14.92 32.92 15.99
C ASP B 167 16.41 33.21 15.89
N PHE B 168 17.04 32.72 14.82
CA PHE B 168 18.49 32.89 14.57
C PHE B 168 18.87 34.36 14.60
N PRO B 169 20.08 34.68 15.10
CA PRO B 169 20.62 36.03 14.88
C PRO B 169 20.65 36.32 13.38
N ASP B 170 20.68 37.59 13.01
CA ASP B 170 20.65 37.97 11.60
C ASP B 170 21.85 37.42 10.82
N GLU B 171 23.03 37.49 11.42
CA GLU B 171 24.26 36.97 10.81
C GLU B 171 24.20 35.45 10.50
N ILE B 172 23.45 34.70 11.30
CA ILE B 172 23.39 33.27 11.11
C ILE B 172 22.42 33.03 9.98
N LYS B 173 21.34 33.80 10.01
CA LYS B 173 20.31 33.73 8.98
C LYS B 173 20.89 34.06 7.60
N LYS B 174 21.77 35.06 7.55
CA LYS B 174 22.47 35.40 6.31
C LYS B 174 23.38 34.29 5.81
N ARG B 175 24.12 33.65 6.72
CA ARG B 175 25.05 32.58 6.34
C ARG B 175 24.32 31.35 5.82
N LEU B 176 23.16 31.06 6.42
CA LEU B 176 22.29 30.01 5.92
C LEU B 176 21.72 30.36 4.55
N GLU B 177 21.43 31.64 4.32
CA GLU B 177 20.97 32.07 3.02
C GLU B 177 22.05 31.86 1.97
N ILE B 178 23.28 32.25 2.30
CA ILE B 178 24.42 32.06 1.41
C ILE B 178 24.68 30.60 1.05
N THR B 179 24.70 29.70 2.03
CA THR B 179 24.83 28.27 1.70
C THR B 179 23.69 27.71 0.83
N ALA B 180 22.48 28.24 0.98
CA ALA B 180 21.37 27.82 0.13
C ALA B 180 21.60 28.32 -1.29
N ARG B 181 22.11 29.53 -1.40
CA ARG B 181 22.39 30.13 -2.71
C ARG B 181 23.42 29.27 -3.46
N ILE B 182 24.48 28.86 -2.76
CA ILE B 182 25.50 28.02 -3.35
C ILE B 182 25.03 26.56 -3.64
N ALA B 183 24.25 25.98 -2.74
CA ALA B 183 23.66 24.66 -2.99
C ALA B 183 22.87 24.65 -4.32
N HIS B 184 22.22 25.77 -4.62
CA HIS B 184 21.42 25.92 -5.81
C HIS B 184 22.25 26.07 -7.10
N GLN B 185 23.27 26.91 -7.07
CA GLN B 185 24.30 26.94 -8.09
C GLN B 185 24.84 25.55 -8.36
N LEU B 186 24.97 24.72 -7.33
CA LEU B 186 25.42 23.34 -7.53
C LEU B 186 24.43 22.47 -8.31
N ASP B 187 23.16 22.53 -7.95
CA ASP B 187 22.11 21.91 -8.74
C ASP B 187 22.12 22.38 -10.18
N GLU B 188 22.22 23.69 -10.37
CA GLU B 188 22.27 24.21 -11.72
C GLU B 188 23.45 23.58 -12.45
N GLU B 189 24.64 23.62 -11.83
CA GLU B 189 25.82 23.11 -12.52
C GLU B 189 25.75 21.61 -12.85
N MSE B 190 25.19 20.82 -11.93
CA MSE B 190 25.00 19.39 -12.15
C MSE B 190 23.97 19.17 -13.27
O MSE B 190 24.10 18.23 -14.06
CB MSE B 190 24.52 18.70 -10.87
CG MSE B 190 25.50 18.65 -9.73
SE MSE B 190 27.13 17.61 -10.21
CE MSE B 190 27.20 16.36 -8.58
N GLY B 191 22.94 20.03 -13.31
CA GLY B 191 22.00 20.03 -14.43
C GLY B 191 22.71 20.26 -15.74
N GLU B 192 23.59 21.25 -15.75
CA GLU B 192 24.39 21.56 -16.93
C GLU B 192 25.34 20.45 -17.32
N ILE B 193 25.95 19.76 -16.36
CA ILE B 193 26.85 18.66 -16.68
C ILE B 193 26.06 17.52 -17.38
N ARG B 194 24.90 17.19 -16.81
CA ARG B 194 24.01 16.17 -17.37
C ARG B 194 23.61 16.51 -18.81
N ASP B 195 23.18 17.76 -19.05
CA ASP B 195 22.85 18.27 -20.39
C ASP B 195 24.02 18.17 -21.33
N ASP B 196 25.16 18.71 -20.91
CA ASP B 196 26.35 18.75 -21.74
C ASP B 196 26.88 17.37 -22.10
N ILE B 197 26.52 16.37 -21.29
CA ILE B 197 26.91 15.00 -21.61
C ILE B 197 26.02 14.52 -22.76
N GLN B 198 24.70 14.58 -22.58
CA GLN B 198 23.76 14.06 -23.57
C GLN B 198 23.75 14.83 -24.89
N GLU B 199 23.94 16.15 -24.81
CA GLU B 199 24.15 17.05 -25.96
C GLU B 199 25.43 16.68 -26.71
N ALA B 200 26.50 16.38 -25.97
CA ALA B 200 27.79 15.99 -26.56
C ALA B 200 27.72 14.60 -27.20
N GLN B 201 26.50 14.10 -27.37
CA GLN B 201 26.26 12.84 -28.08
C GLN B 201 25.12 12.99 -29.09
N ALA B 202 24.06 13.71 -28.68
CA ALA B 202 22.83 13.91 -29.46
C ALA B 202 22.98 14.77 -30.74
N LEU B 203 23.77 15.84 -30.68
CA LEU B 203 23.85 16.78 -31.80
C LEU B 203 25.19 16.75 -32.56
N PHE B 204 26.24 16.22 -31.91
CA PHE B 204 27.52 15.94 -32.59
C PHE B 204 28.25 14.74 -31.97
CL CL C . 0.66 -11.06 9.33
O1 PG4 D . -0.82 -7.46 -24.09
C1 PG4 D . -1.26 -8.82 -24.25
C2 PG4 D . -1.91 -9.28 -22.94
O2 PG4 D . -1.50 -10.62 -22.62
C3 PG4 D . -1.43 -10.82 -21.21
C4 PG4 D . -0.56 -12.02 -20.85
O3 PG4 D . 0.82 -11.64 -20.87
C5 PG4 D . 1.70 -12.75 -20.94
C6 PG4 D . 2.58 -12.57 -22.17
O4 PG4 D . 3.00 -13.83 -22.70
C7 PG4 D . 2.28 -14.21 -23.88
C8 PG4 D . 3.23 -14.48 -25.04
O5 PG4 D . 3.61 -13.23 -25.64
C1 GOL E . -20.90 -19.53 -4.91
O1 GOL E . -20.37 -20.25 -6.01
C2 GOL E . -21.86 -20.38 -4.06
O2 GOL E . -21.19 -21.48 -3.45
C3 GOL E . -22.57 -19.57 -2.98
O3 GOL E . -21.86 -18.41 -2.61
#